data_3ZP1
#
_entry.id   3ZP1
#
_cell.length_a   101.090
_cell.length_b   101.090
_cell.length_c   448.460
_cell.angle_alpha   90.00
_cell.angle_beta   90.00
_cell.angle_gamma   120.00
#
_symmetry.space_group_name_H-M   'H 3 2'
#
loop_
_entity.id
_entity.type
_entity.pdbx_description
1 polymer HAEMAGGLUTININ
2 polymer HAEMAGGLUTININ
3 branched 'N-acetyl-alpha-neuraminic acid-(2-2)-beta-D-galactopyranose'
4 water water
#
loop_
_entity_poly.entity_id
_entity_poly.type
_entity_poly.pdbx_seq_one_letter_code
_entity_poly.pdbx_strand_id
1 'polypeptide(L)'
;DQICIGYHANNSTEQVDTIMEKNVTVTHAQDILEKKHNGKLCDLDGVKPLILRDCSVAGWLLGNPMCDEFINVPEWSYIV
EKANPVNDLCYPGDFNDYEELKHLLSRINHFEKIQIIPKSSWSSHEASLGVSSACPYQGKSSFFRNVVWLIKKNSTYPTI
KRSYNNTNQEDLLVLWGIHHPNDAAEQTKLYQNPTTYISVGTSTLNQRLVPRIATRSKVNGQSGRMEFFWTILKPNDAIN
FESNGNFIAPEYAYKIVKKGDSTIMKSELEYGNCNTKCQTPMGAINSSMPFHNIHPLTIGECPKYVKSNRLVLATGLRNS
PQRERR
;
E
2 'polypeptide(L)'
;GLFGAIAGFIEGGWQGMVDGWYGYHHSNEQGSGYAADKESTQKAIDGVTNKVNSIIDKMNTQFEAVGREFNNLERRIENL
NKKMEDGFLDVWTYNAELLVLMENERTLDFHDSNVKNLYDKVRLQLRDNAKELGNGCFEFYHKCDNECMESVRNGTYDYP
QYSEEA
;
F
#
loop_
_chem_comp.id
_chem_comp.type
_chem_comp.name
_chem_comp.formula
GAL D-saccharide, beta linking beta-D-galactopyranose 'C6 H12 O6'
SIA D-saccharide, alpha linking 'N-acetyl-alpha-neuraminic acid' 'C11 H19 N O9'
#
# COMPACT_ATOMS: atom_id res chain seq x y z
N ASP A 1 24.01 -51.96 28.56
CA ASP A 1 22.99 -51.60 27.55
C ASP A 1 22.20 -50.43 28.08
N GLN A 2 21.75 -49.56 27.17
CA GLN A 2 21.37 -48.21 27.50
C GLN A 2 20.45 -47.61 26.47
N ILE A 3 19.41 -46.91 26.93
CA ILE A 3 18.53 -46.18 26.04
C ILE A 3 18.42 -44.74 26.51
N CYS A 4 18.38 -43.79 25.58
CA CYS A 4 18.42 -42.39 25.92
C CYS A 4 17.31 -41.65 25.21
N ILE A 5 16.75 -40.64 25.86
CA ILE A 5 15.83 -39.72 25.19
C ILE A 5 16.63 -38.49 24.76
N GLY A 6 16.29 -37.90 23.61
CA GLY A 6 17.07 -36.82 23.07
C GLY A 6 16.29 -36.13 21.98
N TYR A 7 16.90 -35.09 21.42
CA TYR A 7 16.22 -34.27 20.46
C TYR A 7 17.19 -33.86 19.34
N HIS A 8 16.61 -33.35 18.25
CA HIS A 8 17.29 -32.99 17.00
C HIS A 8 18.28 -31.85 17.16
N ALA A 9 19.43 -31.94 16.51
CA ALA A 9 20.25 -30.76 16.20
C ALA A 9 20.55 -30.83 14.72
N ASN A 10 20.99 -29.72 14.15
CA ASN A 10 21.39 -29.68 12.76
C ASN A 10 22.41 -28.55 12.55
N ASN A 11 22.66 -28.20 11.30
CA ASN A 11 23.73 -27.25 11.02
C ASN A 11 23.18 -25.83 10.93
N SER A 12 21.92 -25.68 11.29
CA SER A 12 21.20 -24.42 11.14
C SER A 12 21.81 -23.30 11.96
N THR A 13 21.71 -22.11 11.38
CA THR A 13 22.41 -20.94 11.82
C THR A 13 21.38 -19.84 12.07
N GLU A 14 20.15 -20.12 11.64
CA GLU A 14 19.01 -19.22 11.83
C GLU A 14 18.73 -18.96 13.31
N GLN A 15 18.59 -17.68 13.66
CA GLN A 15 18.35 -17.24 15.03
C GLN A 15 17.04 -16.51 15.18
N VAL A 16 16.38 -16.69 16.33
CA VAL A 16 15.15 -15.94 16.68
C VAL A 16 15.34 -15.26 18.00
N ASP A 17 14.52 -14.25 18.27
CA ASP A 17 14.51 -13.55 19.55
C ASP A 17 13.37 -13.98 20.43
N THR A 18 13.59 -13.90 21.74
CA THR A 18 12.53 -14.06 22.72
C THR A 18 12.59 -12.86 23.69
N ILE A 19 11.68 -12.80 24.66
CA ILE A 19 11.71 -11.73 25.67
C ILE A 19 12.99 -11.80 26.54
N MET A 20 13.33 -12.99 27.00
CA MET A 20 14.46 -13.16 27.91
C MET A 20 15.79 -13.37 27.21
N GLU A 21 15.75 -13.66 25.91
CA GLU A 21 16.99 -13.95 25.23
C GLU A 21 16.92 -13.56 23.78
N LYS A 22 18.02 -12.97 23.30
CA LYS A 22 18.11 -12.54 21.93
C LYS A 22 19.03 -13.48 21.13
N ASN A 23 18.79 -13.62 19.83
CA ASN A 23 19.64 -14.47 18.99
C ASN A 23 19.80 -15.88 19.55
N VAL A 24 18.69 -16.58 19.65
CA VAL A 24 18.70 -17.98 20.04
C VAL A 24 18.79 -18.75 18.73
N THR A 25 19.80 -19.58 18.59
CA THR A 25 19.93 -20.36 17.38
C THR A 25 18.94 -21.49 17.48
N VAL A 26 18.16 -21.66 16.41
CA VAL A 26 17.15 -22.70 16.35
C VAL A 26 17.35 -23.60 15.14
N THR A 27 16.88 -24.84 15.23
CA THR A 27 16.95 -25.81 14.14
C THR A 27 16.11 -25.43 12.92
N HIS A 28 14.99 -24.75 13.12
CA HIS A 28 14.09 -24.33 12.04
C HIS A 28 13.36 -23.06 12.43
N ALA A 29 13.03 -22.26 11.43
CA ALA A 29 12.45 -20.94 11.66
C ALA A 29 11.72 -20.47 10.44
N GLN A 30 10.70 -19.67 10.62
CA GLN A 30 9.99 -19.15 9.48
C GLN A 30 10.07 -17.64 9.45
N ASP A 31 10.71 -17.11 8.42
CA ASP A 31 10.72 -15.67 8.23
C ASP A 31 9.38 -15.27 7.63
N ILE A 32 8.78 -14.22 8.18
CA ILE A 32 7.46 -13.79 7.74
C ILE A 32 7.40 -12.34 7.25
N LEU A 33 8.55 -11.69 7.18
CA LEU A 33 8.64 -10.32 6.70
C LEU A 33 9.28 -10.28 5.31
N GLU A 34 8.56 -9.70 4.34
CA GLU A 34 9.11 -9.44 3.02
C GLU A 34 9.93 -8.17 3.05
N LYS A 35 11.20 -8.29 2.69
CA LYS A 35 12.09 -7.13 2.74
C LYS A 35 12.42 -6.60 1.33
N LYS A 36 12.02 -7.35 0.30
CA LYS A 36 12.40 -7.11 -1.09
C LYS A 36 11.28 -6.58 -1.96
N HIS A 37 11.61 -5.63 -2.82
CA HIS A 37 10.77 -5.18 -3.93
C HIS A 37 11.62 -5.14 -5.22
N ASN A 38 11.01 -4.83 -6.37
CA ASN A 38 11.77 -4.75 -7.63
C ASN A 38 12.14 -3.32 -8.07
N GLY A 39 11.77 -2.33 -7.26
CA GLY A 39 12.17 -0.95 -7.50
C GLY A 39 11.61 -0.31 -8.76
N LYS A 40 10.59 -0.95 -9.32
CA LYS A 40 9.92 -0.51 -10.54
C LYS A 40 8.47 -0.16 -10.27
N LEU A 41 7.92 0.72 -11.10
CA LEU A 41 6.47 0.86 -11.20
C LEU A 41 5.98 -0.05 -12.32
N CYS A 42 4.99 -0.89 -12.01
CA CYS A 42 4.59 -1.99 -12.88
C CYS A 42 3.11 -1.93 -13.12
N ASP A 43 2.64 -2.60 -14.16
CA ASP A 43 1.22 -2.82 -14.35
C ASP A 43 0.71 -3.61 -13.14
N LEU A 44 -0.50 -3.28 -12.71
CA LEU A 44 -1.16 -4.01 -11.66
C LEU A 44 -2.14 -5.00 -12.30
N ASP A 45 -2.02 -6.28 -11.99
CA ASP A 45 -2.96 -7.30 -12.47
C ASP A 45 -3.26 -7.14 -13.97
N GLY A 46 -2.20 -6.85 -14.74
CA GLY A 46 -2.30 -6.63 -16.19
C GLY A 46 -2.55 -5.18 -16.61
N VAL A 47 -3.30 -4.46 -15.77
CA VAL A 47 -3.80 -3.09 -16.04
C VAL A 47 -2.78 -1.97 -15.71
N LYS A 48 -2.29 -1.31 -16.76
CA LYS A 48 -1.26 -0.27 -16.65
C LYS A 48 -1.72 0.97 -15.87
N PRO A 49 -0.84 1.52 -15.02
CA PRO A 49 -1.19 2.76 -14.33
C PRO A 49 -1.15 3.96 -15.27
N LEU A 50 -1.85 5.02 -14.91
CA LEU A 50 -1.67 6.31 -15.52
C LEU A 50 -0.44 7.00 -14.92
N ILE A 51 0.64 7.10 -15.69
CA ILE A 51 1.87 7.72 -15.21
C ILE A 51 2.00 9.10 -15.86
N LEU A 52 1.65 10.12 -15.10
CA LEU A 52 1.67 11.50 -15.54
C LEU A 52 3.07 11.97 -15.87
N ARG A 53 4.06 11.44 -15.15
CA ARG A 53 5.40 11.96 -15.29
C ARG A 53 5.34 13.41 -14.85
N ASP A 54 5.75 14.31 -15.73
CA ASP A 54 5.79 15.73 -15.40
C ASP A 54 4.42 16.32 -15.06
N CYS A 55 3.38 15.91 -15.78
CA CYS A 55 2.09 16.57 -15.62
C CYS A 55 1.45 16.32 -14.23
N SER A 56 0.74 17.34 -13.74
CA SER A 56 -0.07 17.21 -12.52
C SER A 56 -1.51 16.82 -12.86
N VAL A 57 -2.26 16.40 -11.87
CA VAL A 57 -3.65 16.04 -12.10
C VAL A 57 -4.41 17.24 -12.68
N ALA A 58 -4.10 18.43 -12.17
CA ALA A 58 -4.59 19.68 -12.73
C ALA A 58 -4.16 19.88 -14.21
N GLY A 59 -2.86 19.80 -14.47
CA GLY A 59 -2.33 19.96 -15.83
C GLY A 59 -3.00 18.98 -16.76
N TRP A 60 -3.31 17.80 -16.26
CA TRP A 60 -3.97 16.79 -17.06
C TRP A 60 -5.44 17.14 -17.31
N LEU A 61 -6.20 17.33 -16.24
CA LEU A 61 -7.65 17.54 -16.38
C LEU A 61 -8.08 18.78 -17.18
N LEU A 62 -7.44 19.91 -16.90
CA LEU A 62 -7.68 21.16 -17.64
C LEU A 62 -7.16 21.11 -19.09
N GLY A 63 -6.16 20.28 -19.33
CA GLY A 63 -5.61 20.10 -20.67
C GLY A 63 -4.48 21.06 -20.98
N ASN A 64 -3.53 21.19 -20.06
CA ASN A 64 -2.27 21.89 -20.32
C ASN A 64 -1.66 21.37 -21.64
N PRO A 65 -1.35 22.28 -22.60
CA PRO A 65 -0.83 21.94 -23.94
C PRO A 65 0.40 21.03 -23.97
N MET A 66 1.21 21.07 -22.91
CA MET A 66 2.38 20.18 -22.73
C MET A 66 1.96 18.81 -22.22
N CYS A 67 0.68 18.64 -21.94
CA CYS A 67 0.14 17.39 -21.40
C CYS A 67 -0.72 16.68 -22.43
N ASP A 68 -0.34 16.86 -23.68
CA ASP A 68 -1.01 16.21 -24.79
C ASP A 68 -0.89 14.68 -24.71
N GLU A 69 0.16 14.17 -24.05
CA GLU A 69 0.30 12.72 -23.85
C GLU A 69 -0.96 12.11 -23.24
N PHE A 70 -1.76 12.96 -22.61
CA PHE A 70 -2.90 12.51 -21.80
C PHE A 70 -4.27 13.04 -22.26
N ILE A 71 -4.32 13.54 -23.51
CA ILE A 71 -5.56 13.95 -24.18
C ILE A 71 -6.67 12.92 -24.01
N ASN A 72 -6.32 11.66 -24.31
CA ASN A 72 -7.22 10.53 -24.10
C ASN A 72 -6.49 9.29 -23.57
N VAL A 73 -6.69 9.01 -22.29
CA VAL A 73 -6.01 7.89 -21.64
C VAL A 73 -6.95 6.73 -21.34
N PRO A 74 -6.46 5.48 -21.47
CA PRO A 74 -7.32 4.34 -21.18
C PRO A 74 -7.57 4.14 -19.67
N GLU A 75 -8.49 3.23 -19.35
CA GLU A 75 -8.65 2.70 -18.00
C GLU A 75 -7.25 2.48 -17.40
N TRP A 76 -7.03 3.03 -16.21
CA TRP A 76 -5.76 2.86 -15.48
C TRP A 76 -6.07 2.13 -14.18
N SER A 77 -5.05 1.50 -13.60
CA SER A 77 -5.18 0.80 -12.32
C SER A 77 -4.94 1.75 -11.16
N TYR A 78 -3.89 2.56 -11.30
CA TYR A 78 -3.57 3.59 -10.34
C TYR A 78 -2.90 4.75 -11.07
N ILE A 79 -2.79 5.88 -10.39
CA ILE A 79 -2.19 7.08 -10.98
C ILE A 79 -0.86 7.36 -10.26
N VAL A 80 0.16 7.75 -11.02
CA VAL A 80 1.42 8.15 -10.41
C VAL A 80 1.69 9.61 -10.77
N GLU A 81 2.13 10.39 -9.80
CA GLU A 81 2.34 11.80 -9.97
C GLU A 81 3.61 12.14 -9.20
N LYS A 82 4.48 12.93 -9.80
CA LYS A 82 5.71 13.33 -9.10
C LYS A 82 5.39 14.25 -7.91
N ALA A 83 6.39 14.45 -7.05
CA ALA A 83 6.29 15.40 -5.93
C ALA A 83 6.02 16.82 -6.43
N ASN A 84 6.83 17.30 -7.38
CA ASN A 84 6.69 18.66 -7.86
C ASN A 84 6.62 18.74 -9.38
N PRO A 85 5.48 18.32 -9.96
CA PRO A 85 5.40 18.24 -11.43
C PRO A 85 5.52 19.63 -12.07
N VAL A 86 6.32 19.76 -13.12
CA VAL A 86 6.46 21.03 -13.85
C VAL A 86 5.27 21.53 -14.67
N ASN A 87 4.59 20.59 -15.34
CA ASN A 87 3.48 20.93 -16.19
C ASN A 87 2.14 20.96 -15.48
N ASP A 88 1.92 21.97 -14.67
CA ASP A 88 0.60 22.19 -14.12
C ASP A 88 0.34 23.67 -14.01
N LEU A 89 -0.88 24.12 -14.27
CA LEU A 89 -1.21 25.53 -14.08
C LEU A 89 -0.24 26.47 -14.78
N CYS A 90 0.01 26.18 -16.06
CA CYS A 90 0.90 26.93 -16.93
C CYS A 90 0.64 28.43 -16.84
N TYR A 91 -0.63 28.80 -16.89
CA TYR A 91 -1.05 30.16 -16.56
C TYR A 91 -1.42 30.16 -15.08
N PRO A 92 -0.69 30.96 -14.27
CA PRO A 92 -0.79 30.86 -12.80
C PRO A 92 -2.19 31.09 -12.25
N GLY A 93 -2.47 30.44 -11.12
CA GLY A 93 -3.73 30.65 -10.42
C GLY A 93 -4.00 29.72 -9.26
N ASP A 94 -5.23 29.22 -9.23
CA ASP A 94 -5.66 28.28 -8.21
C ASP A 94 -6.56 27.28 -8.88
N PHE A 95 -6.74 26.16 -8.19
CA PHE A 95 -7.68 25.18 -8.63
C PHE A 95 -8.55 24.96 -7.42
N ASN A 96 -9.77 25.46 -7.48
CA ASN A 96 -10.69 25.37 -6.36
C ASN A 96 -11.02 23.95 -5.91
N ASP A 97 -10.92 23.71 -4.60
CA ASP A 97 -11.22 22.40 -4.00
C ASP A 97 -10.51 21.26 -4.71
N TYR A 98 -9.23 21.48 -4.95
CA TYR A 98 -8.41 20.57 -5.74
C TYR A 98 -8.26 19.22 -5.08
N GLU A 99 -8.15 19.24 -3.75
CA GLU A 99 -7.87 18.05 -2.97
C GLU A 99 -9.09 17.17 -2.87
N GLU A 100 -10.27 17.80 -2.75
CA GLU A 100 -11.52 17.06 -2.79
C GLU A 100 -11.67 16.40 -4.15
N LEU A 101 -11.14 17.02 -5.21
CA LEU A 101 -11.20 16.41 -6.52
C LEU A 101 -10.21 15.23 -6.60
N LYS A 102 -8.95 15.49 -6.27
CA LYS A 102 -7.97 14.42 -6.16
C LYS A 102 -8.56 13.23 -5.40
N HIS A 103 -9.31 13.49 -4.33
CA HIS A 103 -9.91 12.43 -3.54
C HIS A 103 -10.97 11.67 -4.31
N LEU A 104 -11.74 12.37 -5.14
CA LEU A 104 -12.82 11.78 -5.90
C LEU A 104 -12.22 10.84 -6.92
N LEU A 105 -11.11 11.27 -7.49
CA LEU A 105 -10.29 10.51 -8.44
C LEU A 105 -9.76 9.20 -7.91
N SER A 106 -9.46 9.12 -6.61
CA SER A 106 -8.98 7.87 -6.02
C SER A 106 -9.98 6.72 -6.11
N ARG A 107 -11.25 7.02 -6.40
CA ARG A 107 -12.28 5.99 -6.54
C ARG A 107 -12.76 5.92 -8.01
N ILE A 108 -11.84 6.20 -8.93
CA ILE A 108 -12.10 6.31 -10.37
C ILE A 108 -10.97 5.66 -11.22
N ASN A 109 -11.33 4.74 -12.11
CA ASN A 109 -10.36 4.10 -13.00
C ASN A 109 -10.44 4.54 -14.46
N HIS A 110 -11.59 5.08 -14.86
CA HIS A 110 -11.75 5.51 -16.25
C HIS A 110 -12.57 6.77 -16.47
N PHE A 111 -11.96 7.69 -17.20
CA PHE A 111 -12.64 8.89 -17.66
C PHE A 111 -12.83 8.77 -19.16
N GLU A 112 -13.97 9.24 -19.65
CA GLU A 112 -14.20 9.41 -21.10
C GLU A 112 -14.64 10.83 -21.43
N LYS A 113 -13.74 11.57 -22.08
CA LYS A 113 -13.91 12.99 -22.39
C LYS A 113 -14.88 13.24 -23.55
N ILE A 114 -15.92 14.02 -23.30
CA ILE A 114 -16.86 14.37 -24.37
C ILE A 114 -17.06 15.88 -24.47
N GLN A 115 -17.30 16.36 -25.70
CA GLN A 115 -17.52 17.78 -25.93
C GLN A 115 -18.90 18.20 -25.43
N ILE A 116 -18.94 19.22 -24.58
CA ILE A 116 -20.22 19.73 -24.09
C ILE A 116 -20.63 21.08 -24.71
N ILE A 117 -19.67 21.97 -24.87
CA ILE A 117 -19.91 23.20 -25.60
C ILE A 117 -18.86 23.32 -26.68
N PRO A 118 -19.29 23.36 -27.93
CA PRO A 118 -18.36 23.40 -29.07
C PRO A 118 -17.68 24.74 -29.20
N LYS A 119 -16.41 24.74 -29.58
CA LYS A 119 -15.67 25.97 -29.72
C LYS A 119 -16.33 26.79 -30.80
N SER A 120 -16.72 26.13 -31.87
CA SER A 120 -17.39 26.81 -32.96
C SER A 120 -18.84 26.89 -32.61
N SER A 121 -19.13 27.34 -31.41
CA SER A 121 -20.50 27.51 -30.98
C SER A 121 -20.72 28.93 -30.51
N TRP A 122 -19.65 29.71 -30.46
CA TRP A 122 -19.79 31.05 -29.95
C TRP A 122 -19.99 32.02 -31.09
N SER A 123 -21.23 32.46 -31.21
CA SER A 123 -21.62 33.37 -32.29
C SER A 123 -21.19 34.79 -32.01
N SER A 124 -21.37 35.21 -30.77
CA SER A 124 -21.20 36.60 -30.37
C SER A 124 -19.84 36.93 -29.76
N HIS A 125 -19.00 35.90 -29.58
CA HIS A 125 -17.72 36.05 -28.86
C HIS A 125 -16.54 35.45 -29.65
N GLU A 126 -15.37 36.07 -29.48
CA GLU A 126 -14.14 35.58 -30.11
C GLU A 126 -13.58 34.44 -29.27
N ALA A 127 -13.47 33.25 -29.86
CA ALA A 127 -13.07 32.05 -29.11
C ALA A 127 -11.75 31.41 -29.54
N SER A 128 -11.04 32.07 -30.46
CA SER A 128 -9.72 31.60 -30.93
C SER A 128 -8.56 32.53 -30.54
N LEU A 129 -8.86 33.54 -29.73
CA LEU A 129 -7.86 34.53 -29.35
C LEU A 129 -7.48 34.47 -27.87
N GLY A 130 -8.11 33.56 -27.12
CA GLY A 130 -7.82 33.37 -25.70
C GLY A 130 -6.60 32.51 -25.44
N VAL A 131 -5.42 33.07 -25.69
CA VAL A 131 -4.14 32.36 -25.60
C VAL A 131 -3.11 33.14 -24.78
N SER A 132 -2.01 32.49 -24.41
CA SER A 132 -0.99 33.08 -23.56
C SER A 132 0.38 32.47 -23.83
N SER A 133 1.43 33.27 -23.62
CA SER A 133 2.78 32.79 -23.79
C SER A 133 3.23 31.98 -22.56
N ALA A 134 2.43 32.04 -21.50
CA ALA A 134 2.60 31.18 -20.33
C ALA A 134 2.30 29.72 -20.65
N CYS A 135 1.41 29.48 -21.62
CA CYS A 135 1.07 28.13 -22.05
C CYS A 135 1.48 27.87 -23.51
N PRO A 136 2.79 27.75 -23.78
CA PRO A 136 3.20 27.55 -25.17
C PRO A 136 2.98 26.12 -25.68
N TYR A 137 2.63 26.01 -26.97
CA TYR A 137 2.63 24.72 -27.67
C TYR A 137 3.34 24.80 -29.03
N GLN A 138 4.40 24.00 -29.18
CA GLN A 138 5.29 24.03 -30.33
C GLN A 138 5.79 25.45 -30.66
N GLY A 139 6.06 26.23 -29.61
CA GLY A 139 6.67 27.55 -29.73
C GLY A 139 5.70 28.74 -29.78
N LYS A 140 4.40 28.48 -29.81
CA LYS A 140 3.39 29.54 -29.99
C LYS A 140 2.45 29.64 -28.79
N SER A 141 2.13 30.87 -28.39
CA SER A 141 1.14 31.11 -27.35
C SER A 141 -0.09 30.22 -27.56
N SER A 142 -0.43 29.43 -26.54
CA SER A 142 -1.54 28.48 -26.60
C SER A 142 -2.31 28.56 -25.28
N PHE A 143 -3.16 27.55 -24.98
CA PHE A 143 -3.97 27.56 -23.75
C PHE A 143 -4.55 26.19 -23.37
N PHE A 144 -4.92 26.04 -22.10
CA PHE A 144 -5.60 24.84 -21.62
C PHE A 144 -6.62 24.35 -22.67
N ARG A 145 -6.47 23.10 -23.09
CA ARG A 145 -7.21 22.59 -24.24
C ARG A 145 -8.69 22.32 -24.02
N ASN A 146 -9.11 22.17 -22.76
CA ASN A 146 -10.47 21.67 -22.48
C ASN A 146 -11.44 22.78 -22.13
N VAL A 147 -10.86 23.96 -21.88
CA VAL A 147 -11.63 25.16 -21.61
C VAL A 147 -11.35 26.23 -22.67
N VAL A 148 -12.28 27.16 -22.81
CA VAL A 148 -12.16 28.20 -23.83
C VAL A 148 -12.13 29.59 -23.22
N TRP A 149 -11.04 30.31 -23.49
CA TRP A 149 -10.91 31.69 -23.03
C TRP A 149 -11.67 32.68 -23.94
N LEU A 150 -12.97 32.80 -23.69
CA LEU A 150 -13.86 33.73 -24.39
C LEU A 150 -13.43 35.20 -24.24
N ILE A 151 -13.46 35.89 -25.37
CA ILE A 151 -12.94 37.24 -25.52
C ILE A 151 -13.90 38.08 -26.41
N LYS A 152 -13.92 39.40 -26.18
CA LYS A 152 -14.86 40.32 -26.87
C LYS A 152 -14.84 40.29 -28.42
N LYS A 153 -16.03 40.42 -29.01
CA LYS A 153 -16.19 40.42 -30.48
C LYS A 153 -16.79 41.74 -30.98
N ASN A 154 -16.12 42.34 -31.97
CA ASN A 154 -16.43 43.68 -32.52
C ASN A 154 -16.57 44.76 -31.43
N SER A 155 -15.89 44.56 -30.30
CA SER A 155 -15.92 45.49 -29.16
C SER A 155 -17.20 45.37 -28.33
N THR A 156 -17.62 44.12 -28.08
CA THR A 156 -18.80 43.86 -27.26
C THR A 156 -18.67 42.48 -26.63
N TYR A 157 -19.05 42.40 -25.36
CA TYR A 157 -19.25 41.12 -24.70
C TYR A 157 -20.72 41.05 -24.30
N PRO A 158 -21.56 40.45 -25.17
CA PRO A 158 -22.96 40.25 -24.83
C PRO A 158 -23.05 39.23 -23.71
N THR A 159 -24.02 39.42 -22.82
CA THR A 159 -24.26 38.46 -21.75
C THR A 159 -24.48 37.06 -22.35
N ILE A 160 -23.62 36.14 -21.93
CA ILE A 160 -23.68 34.74 -22.35
C ILE A 160 -24.77 34.03 -21.56
N LYS A 161 -25.60 33.26 -22.27
CA LYS A 161 -26.58 32.41 -21.62
C LYS A 161 -26.46 31.04 -22.25
N ARG A 162 -25.65 30.17 -21.65
CA ARG A 162 -25.45 28.83 -22.16
C ARG A 162 -25.75 27.80 -21.10
N SER A 163 -26.23 26.65 -21.55
CA SER A 163 -26.75 25.64 -20.65
C SER A 163 -26.59 24.23 -21.25
N TYR A 164 -25.86 23.35 -20.55
CA TYR A 164 -25.76 21.96 -20.97
C TYR A 164 -26.50 20.96 -20.08
N ASN A 165 -27.23 20.05 -20.73
CA ASN A 165 -27.98 19.01 -20.05
C ASN A 165 -27.29 17.66 -20.14
N ASN A 166 -27.13 17.01 -18.99
CA ASN A 166 -26.50 15.69 -18.93
C ASN A 166 -27.47 14.56 -19.28
N THR A 167 -27.55 14.26 -20.57
CA THR A 167 -28.39 13.16 -21.05
C THR A 167 -27.71 11.80 -20.83
N ASN A 168 -26.36 11.80 -20.77
CA ASN A 168 -25.56 10.61 -20.42
C ASN A 168 -26.05 10.02 -19.12
N GLN A 169 -25.92 8.70 -18.97
CA GLN A 169 -26.25 8.00 -17.73
C GLN A 169 -25.13 8.02 -16.69
N GLU A 170 -23.94 8.40 -17.14
CA GLU A 170 -22.72 8.46 -16.31
C GLU A 170 -22.54 9.88 -15.79
N ASP A 171 -22.11 10.00 -14.54
CA ASP A 171 -21.79 11.30 -13.92
C ASP A 171 -20.79 12.03 -14.78
N LEU A 172 -20.85 13.36 -14.74
CA LEU A 172 -19.98 14.19 -15.56
C LEU A 172 -19.17 15.20 -14.74
N LEU A 173 -17.86 15.17 -14.92
CA LEU A 173 -17.00 16.17 -14.32
C LEU A 173 -16.90 17.35 -15.29
N VAL A 174 -17.55 18.44 -14.89
CA VAL A 174 -17.50 19.69 -15.66
C VAL A 174 -16.54 20.66 -14.97
N LEU A 175 -15.65 21.24 -15.76
CA LEU A 175 -14.68 22.19 -15.25
C LEU A 175 -14.86 23.52 -15.95
N TRP A 176 -14.68 24.61 -15.19
CA TRP A 176 -14.66 25.94 -15.78
C TRP A 176 -13.71 26.86 -15.03
N GLY A 177 -13.69 28.13 -15.38
CA GLY A 177 -12.80 29.06 -14.72
C GLY A 177 -13.21 30.52 -14.78
N ILE A 178 -12.38 31.34 -14.15
CA ILE A 178 -12.56 32.78 -14.19
C ILE A 178 -11.18 33.40 -14.31
N HIS A 179 -11.08 34.44 -15.14
CA HIS A 179 -9.86 35.20 -15.26
C HIS A 179 -9.89 36.41 -14.34
N HIS A 180 -8.83 36.61 -13.57
CA HIS A 180 -8.67 37.79 -12.72
C HIS A 180 -7.57 38.66 -13.34
N PRO A 181 -7.95 39.73 -14.08
CA PRO A 181 -6.99 40.67 -14.67
C PRO A 181 -6.26 41.44 -13.57
N ASN A 182 -5.17 42.14 -13.93
CA ASN A 182 -4.39 42.90 -12.91
C ASN A 182 -4.64 44.42 -12.80
N ASP A 183 -5.40 44.97 -13.76
CA ASP A 183 -5.86 46.38 -13.71
C ASP A 183 -7.13 46.66 -14.52
N ALA A 184 -7.66 47.86 -14.34
CA ALA A 184 -8.90 48.32 -14.98
C ALA A 184 -8.90 48.25 -16.51
N ALA A 185 -7.78 48.62 -17.13
CA ALA A 185 -7.71 48.70 -18.61
C ALA A 185 -7.64 47.35 -19.30
N GLU A 186 -7.09 46.35 -18.61
CA GLU A 186 -7.04 44.96 -19.11
C GLU A 186 -8.45 44.37 -19.25
N GLN A 187 -9.30 44.64 -18.27
CA GLN A 187 -10.73 44.30 -18.32
C GLN A 187 -11.37 44.85 -19.58
N THR A 188 -11.13 46.15 -19.80
CA THR A 188 -11.60 46.88 -20.97
C THR A 188 -11.11 46.22 -22.25
N LYS A 189 -9.82 45.97 -22.33
CA LYS A 189 -9.23 45.44 -23.56
C LYS A 189 -9.78 44.06 -23.93
N LEU A 190 -9.82 43.17 -22.95
CA LEU A 190 -10.38 41.83 -23.11
C LEU A 190 -11.90 41.66 -23.24
N TYR A 191 -12.65 42.34 -22.38
CA TYR A 191 -14.09 42.09 -22.28
C TYR A 191 -15.01 43.31 -22.47
N GLN A 192 -14.42 44.49 -22.56
CA GLN A 192 -15.20 45.73 -22.65
C GLN A 192 -15.87 46.14 -21.34
N ASN A 193 -16.73 45.30 -20.80
CA ASN A 193 -17.44 45.65 -19.56
C ASN A 193 -16.49 45.76 -18.39
N PRO A 194 -16.69 46.75 -17.52
CA PRO A 194 -15.74 46.93 -16.40
C PRO A 194 -16.07 46.11 -15.16
N THR A 195 -17.35 45.86 -14.89
CA THR A 195 -17.75 45.02 -13.76
C THR A 195 -18.50 43.79 -14.27
N THR A 196 -18.03 42.61 -13.89
CA THR A 196 -18.57 41.37 -14.43
C THR A 196 -18.83 40.31 -13.37
N TYR A 197 -19.36 39.18 -13.84
CA TYR A 197 -19.73 38.04 -13.01
C TYR A 197 -19.86 36.79 -13.88
N ILE A 198 -19.66 35.64 -13.26
CA ILE A 198 -20.06 34.38 -13.85
C ILE A 198 -20.96 33.70 -12.85
N SER A 199 -22.20 33.45 -13.25
CA SER A 199 -23.11 32.72 -12.41
C SER A 199 -23.27 31.32 -12.97
N VAL A 200 -23.23 30.34 -12.07
CA VAL A 200 -23.31 28.93 -12.42
C VAL A 200 -24.31 28.27 -11.48
N GLY A 201 -25.23 27.52 -12.07
CA GLY A 201 -26.22 26.80 -11.28
C GLY A 201 -26.46 25.40 -11.82
N THR A 202 -26.69 24.48 -10.90
CA THR A 202 -27.25 23.16 -11.23
C THR A 202 -28.40 22.96 -10.25
N SER A 203 -28.81 21.71 -10.08
CA SER A 203 -29.85 21.41 -9.11
C SER A 203 -29.37 21.67 -7.69
N THR A 204 -28.05 21.60 -7.49
CA THR A 204 -27.47 21.78 -6.15
C THR A 204 -26.45 22.93 -6.08
N LEU A 205 -25.95 23.35 -7.23
CA LEU A 205 -25.00 24.47 -7.25
C LEU A 205 -25.67 25.84 -7.34
N ASN A 206 -25.17 26.79 -6.56
CA ASN A 206 -25.64 28.18 -6.61
C ASN A 206 -24.46 29.16 -6.57
N GLN A 207 -23.79 29.34 -7.71
CA GLN A 207 -22.54 30.06 -7.73
C GLN A 207 -22.62 31.42 -8.41
N ARG A 208 -21.81 32.37 -7.93
CA ARG A 208 -21.65 33.64 -8.60
C ARG A 208 -20.23 34.14 -8.38
N LEU A 209 -19.44 34.11 -9.44
CA LEU A 209 -18.03 34.48 -9.35
C LEU A 209 -17.85 35.89 -9.87
N VAL A 210 -17.04 36.66 -9.16
CA VAL A 210 -16.79 38.05 -9.53
C VAL A 210 -15.27 38.26 -9.51
N PRO A 211 -14.71 38.78 -10.63
CA PRO A 211 -13.26 38.91 -10.80
C PRO A 211 -12.62 39.82 -9.78
N ARG A 212 -11.49 39.38 -9.24
CA ARG A 212 -10.74 40.14 -8.27
C ARG A 212 -9.53 40.77 -8.95
N ILE A 213 -9.51 42.10 -9.00
CA ILE A 213 -8.37 42.83 -9.52
C ILE A 213 -7.38 43.12 -8.38
N ALA A 214 -6.11 42.83 -8.66
CA ALA A 214 -4.99 43.15 -7.78
C ALA A 214 -3.70 43.09 -8.60
N THR A 215 -2.72 43.89 -8.20
CA THR A 215 -1.40 43.86 -8.82
C THR A 215 -0.52 42.86 -8.06
N ARG A 216 0.06 41.92 -8.81
CA ARG A 216 0.76 40.79 -8.22
C ARG A 216 1.96 40.31 -9.03
N SER A 217 2.78 39.48 -8.39
CA SER A 217 4.05 39.03 -8.90
C SER A 217 3.94 38.24 -10.20
N LYS A 218 4.95 38.37 -11.05
CA LYS A 218 4.93 37.70 -12.34
C LYS A 218 5.35 36.24 -12.21
N VAL A 219 4.40 35.39 -11.85
CA VAL A 219 4.56 33.95 -11.94
C VAL A 219 4.34 33.57 -13.41
N ASN A 220 5.32 32.87 -14.01
CA ASN A 220 5.35 32.55 -15.46
C ASN A 220 5.18 33.75 -16.39
N GLY A 221 5.78 34.87 -16.02
CA GLY A 221 5.67 36.11 -16.80
C GLY A 221 4.25 36.64 -16.84
N GLN A 222 3.47 36.32 -15.81
CA GLN A 222 2.06 36.68 -15.79
C GLN A 222 1.64 37.22 -14.42
N SER A 223 0.82 38.27 -14.43
CA SER A 223 0.28 38.86 -13.20
C SER A 223 -1.21 38.56 -13.09
N GLY A 224 -1.84 38.35 -14.25
CA GLY A 224 -3.19 37.83 -14.29
C GLY A 224 -3.26 36.50 -13.56
N ARG A 225 -4.48 36.10 -13.21
CA ARG A 225 -4.70 34.83 -12.52
C ARG A 225 -5.92 34.13 -13.11
N MET A 226 -5.84 32.81 -13.18
CA MET A 226 -6.98 31.99 -13.52
C MET A 226 -7.37 31.24 -12.26
N GLU A 227 -8.67 31.02 -12.08
CA GLU A 227 -9.16 30.27 -10.93
C GLU A 227 -10.18 29.27 -11.45
N PHE A 228 -9.93 28.00 -11.16
CA PHE A 228 -10.72 26.97 -11.78
C PHE A 228 -11.62 26.29 -10.79
N PHE A 229 -12.85 26.04 -11.23
CA PHE A 229 -13.89 25.42 -10.40
C PHE A 229 -14.41 24.20 -11.12
N TRP A 230 -15.01 23.30 -10.36
CA TRP A 230 -15.55 22.09 -10.94
C TRP A 230 -16.83 21.72 -10.23
N THR A 231 -17.59 20.83 -10.84
CA THR A 231 -18.75 20.28 -10.21
C THR A 231 -18.88 18.88 -10.77
N ILE A 232 -19.71 18.09 -10.11
CA ILE A 232 -20.13 16.81 -10.64
C ILE A 232 -21.60 16.96 -10.98
N LEU A 233 -21.91 16.77 -12.25
CA LEU A 233 -23.24 17.00 -12.77
C LEU A 233 -23.89 15.64 -12.89
N LYS A 234 -24.98 15.46 -12.14
CA LYS A 234 -25.70 14.19 -12.09
C LYS A 234 -26.38 13.88 -13.44
N PRO A 235 -26.93 12.63 -13.59
CA PRO A 235 -27.67 12.33 -14.82
C PRO A 235 -28.99 13.10 -14.83
N ASN A 236 -29.45 13.52 -16.02
CA ASN A 236 -30.70 14.29 -16.13
C ASN A 236 -30.66 15.64 -15.41
N ASP A 237 -29.46 16.13 -15.14
CA ASP A 237 -29.33 17.46 -14.56
C ASP A 237 -28.70 18.38 -15.59
N ALA A 238 -28.94 19.68 -15.43
CA ALA A 238 -28.42 20.68 -16.35
C ALA A 238 -27.52 21.67 -15.62
N ILE A 239 -26.49 22.14 -16.30
CA ILE A 239 -25.65 23.22 -15.76
C ILE A 239 -25.84 24.54 -16.54
N ASN A 240 -26.25 25.59 -15.83
CA ASN A 240 -26.59 26.88 -16.44
C ASN A 240 -25.56 27.96 -16.21
N PHE A 241 -24.94 28.42 -17.27
CA PHE A 241 -23.97 29.50 -17.16
C PHE A 241 -24.60 30.83 -17.54
N GLU A 242 -24.10 31.88 -16.89
CA GLU A 242 -24.42 33.25 -17.24
C GLU A 242 -23.20 34.10 -16.88
N SER A 243 -22.70 34.82 -17.87
CA SER A 243 -21.53 35.68 -17.69
C SER A 243 -21.46 36.78 -18.74
N ASN A 244 -20.94 37.94 -18.31
CA ASN A 244 -20.63 39.05 -19.21
C ASN A 244 -19.12 39.34 -19.29
N GLY A 245 -18.30 38.33 -18.99
CA GLY A 245 -16.85 38.46 -19.09
C GLY A 245 -16.06 37.79 -17.99
N ASN A 246 -14.77 37.53 -18.30
CA ASN A 246 -13.81 36.81 -17.45
C ASN A 246 -14.09 35.32 -17.38
N PHE A 247 -14.93 34.85 -18.28
CA PHE A 247 -15.42 33.48 -18.27
C PHE A 247 -14.49 32.55 -19.03
N ILE A 248 -14.06 31.49 -18.36
CA ILE A 248 -13.35 30.39 -19.00
C ILE A 248 -14.35 29.25 -19.12
N ALA A 249 -14.90 29.09 -20.32
CA ALA A 249 -16.02 28.20 -20.57
C ALA A 249 -15.58 26.76 -20.87
N PRO A 250 -16.38 25.77 -20.44
CA PRO A 250 -16.11 24.40 -20.82
C PRO A 250 -16.12 24.23 -22.33
N GLU A 251 -15.18 23.45 -22.86
CA GLU A 251 -15.39 22.87 -24.17
C GLU A 251 -15.69 21.39 -23.94
N TYR A 252 -14.77 20.72 -23.24
CA TYR A 252 -14.90 19.30 -22.93
C TYR A 252 -15.14 19.09 -21.44
N ALA A 253 -15.76 17.96 -21.13
CA ALA A 253 -15.93 17.48 -19.78
C ALA A 253 -15.83 15.95 -19.81
N TYR A 254 -15.51 15.35 -18.66
CA TYR A 254 -15.24 13.93 -18.60
C TYR A 254 -16.42 13.13 -18.08
N LYS A 255 -16.79 12.10 -18.82
CA LYS A 255 -17.80 11.18 -18.33
C LYS A 255 -17.07 10.30 -17.35
N ILE A 256 -17.68 10.07 -16.19
CA ILE A 256 -17.06 9.18 -15.24
C ILE A 256 -17.65 7.82 -15.47
N VAL A 257 -16.83 6.89 -15.95
CA VAL A 257 -17.32 5.57 -16.28
C VAL A 257 -16.97 4.45 -15.30
N LYS A 258 -15.68 4.09 -15.24
CA LYS A 258 -15.25 2.89 -14.51
C LYS A 258 -15.40 2.87 -12.99
N LYS A 259 -15.08 3.95 -12.31
CA LYS A 259 -15.20 4.00 -10.85
C LYS A 259 -14.41 2.93 -10.06
N GLY A 260 -13.22 2.56 -10.53
CA GLY A 260 -12.38 1.56 -9.88
C GLY A 260 -11.65 1.94 -8.59
N ASP A 261 -11.17 0.93 -7.88
CA ASP A 261 -10.26 1.11 -6.75
C ASP A 261 -8.96 1.72 -7.27
N SER A 262 -8.34 2.65 -6.55
CA SER A 262 -7.25 3.41 -7.16
C SER A 262 -6.59 4.36 -6.18
N THR A 263 -5.39 4.81 -6.49
CA THR A 263 -4.76 5.82 -5.67
C THR A 263 -3.89 6.69 -6.52
N ILE A 264 -3.59 7.88 -6.03
CA ILE A 264 -2.54 8.68 -6.61
C ILE A 264 -1.28 8.45 -5.77
N MET A 265 -0.29 7.81 -6.37
CA MET A 265 1.01 7.62 -5.76
C MET A 265 1.92 8.79 -6.06
N LYS A 266 2.69 9.19 -5.06
CA LYS A 266 3.75 10.12 -5.25
C LYS A 266 5.02 9.34 -5.43
N SER A 267 5.62 9.51 -6.60
CA SER A 267 6.85 8.81 -6.98
C SER A 267 7.59 9.54 -8.09
N GLU A 268 8.92 9.61 -7.97
CA GLU A 268 9.76 10.12 -9.04
C GLU A 268 10.24 8.98 -9.94
N LEU A 269 9.55 7.83 -9.92
CA LEU A 269 9.94 6.73 -10.80
C LEU A 269 9.12 6.72 -12.09
N GLU A 270 9.76 6.31 -13.19
CA GLU A 270 9.10 6.09 -14.48
C GLU A 270 8.66 4.63 -14.64
N TYR A 271 7.74 4.40 -15.58
CA TYR A 271 7.27 3.04 -15.93
C TYR A 271 8.39 1.97 -16.15
N GLY A 272 8.17 0.77 -15.64
CA GLY A 272 9.24 -0.24 -15.63
C GLY A 272 9.03 -1.45 -16.50
N ASN A 273 7.91 -1.46 -17.22
CA ASN A 273 7.54 -2.56 -18.11
C ASN A 273 7.48 -3.93 -17.41
N CYS A 274 6.67 -4.00 -16.38
CA CYS A 274 6.52 -5.22 -15.61
C CYS A 274 5.08 -5.35 -15.22
N ASN A 275 4.71 -6.51 -14.69
CA ASN A 275 3.39 -6.74 -14.12
C ASN A 275 3.50 -7.20 -12.66
N THR A 276 2.54 -6.83 -11.81
CA THR A 276 2.57 -7.21 -10.40
C THR A 276 1.16 -7.38 -9.82
N LYS A 277 1.07 -7.93 -8.61
CA LYS A 277 -0.23 -8.07 -7.92
C LYS A 277 -0.37 -7.12 -6.73
N CYS A 278 0.65 -6.28 -6.54
CA CYS A 278 0.78 -5.46 -5.35
C CYS A 278 1.88 -4.45 -5.61
N GLN A 279 1.51 -3.17 -5.68
CA GLN A 279 2.45 -2.12 -6.04
C GLN A 279 2.61 -1.13 -4.90
N THR A 280 3.85 -0.72 -4.66
CA THR A 280 4.18 0.39 -3.77
C THR A 280 4.88 1.55 -4.52
N PRO A 281 4.85 2.77 -3.94
CA PRO A 281 5.50 3.90 -4.60
C PRO A 281 7.00 3.72 -4.84
N MET A 282 7.59 2.71 -4.21
CA MET A 282 9.03 2.44 -4.29
C MET A 282 9.40 1.30 -5.23
N GLY A 283 8.40 0.48 -5.55
CA GLY A 283 8.62 -0.75 -6.30
C GLY A 283 7.46 -1.69 -6.04
N ALA A 284 7.43 -2.80 -6.77
CA ALA A 284 6.35 -3.78 -6.62
C ALA A 284 6.76 -4.92 -5.69
N ILE A 285 5.76 -5.65 -5.18
CA ILE A 285 5.97 -6.78 -4.26
C ILE A 285 5.42 -8.11 -4.82
N ASN A 286 6.30 -9.10 -4.96
CA ASN A 286 5.91 -10.48 -5.25
C ASN A 286 6.33 -11.38 -4.09
N SER A 287 5.37 -11.69 -3.23
CA SER A 287 5.67 -12.41 -2.01
C SER A 287 4.47 -13.14 -1.43
N SER A 288 4.74 -14.20 -0.66
CA SER A 288 3.72 -14.94 0.08
C SER A 288 3.82 -14.70 1.59
N MET A 289 4.78 -13.85 2.00
CA MET A 289 4.94 -13.45 3.40
C MET A 289 3.70 -12.72 3.88
N PRO A 290 3.36 -12.88 5.16
CA PRO A 290 2.21 -12.17 5.70
C PRO A 290 2.45 -10.68 5.85
N PHE A 291 3.70 -10.29 6.09
CA PHE A 291 4.08 -8.89 6.32
C PHE A 291 5.14 -8.42 5.35
N HIS A 292 5.22 -7.10 5.16
CA HIS A 292 6.35 -6.48 4.45
C HIS A 292 6.68 -5.17 5.14
N ASN A 293 7.90 -4.66 4.92
CA ASN A 293 8.33 -3.40 5.50
C ASN A 293 8.69 -2.34 4.46
N ILE A 294 8.14 -2.46 3.26
CA ILE A 294 8.59 -1.64 2.12
C ILE A 294 8.13 -0.19 2.18
N HIS A 295 6.81 0.02 2.20
CA HIS A 295 6.20 1.36 2.24
C HIS A 295 4.75 1.19 2.72
N PRO A 296 4.22 2.18 3.46
CA PRO A 296 2.86 2.02 3.96
C PRO A 296 1.78 2.03 2.88
N LEU A 297 1.90 2.87 1.85
CA LEU A 297 0.85 3.03 0.81
C LEU A 297 0.97 2.01 -0.31
N THR A 298 0.09 1.01 -0.33
CA THR A 298 0.14 -0.01 -1.38
C THR A 298 -1.23 -0.16 -2.03
N ILE A 299 -1.28 -0.85 -3.17
CA ILE A 299 -2.54 -1.19 -3.82
C ILE A 299 -2.42 -2.62 -4.36
N GLY A 300 -3.49 -3.41 -4.24
CA GLY A 300 -3.46 -4.81 -4.69
C GLY A 300 -3.77 -5.81 -3.59
N GLU A 301 -3.41 -7.08 -3.82
CA GLU A 301 -3.42 -8.09 -2.75
C GLU A 301 -2.04 -7.97 -2.14
N CYS A 302 -1.95 -7.33 -0.97
CA CYS A 302 -0.65 -7.04 -0.35
C CYS A 302 -0.46 -7.67 1.04
N PRO A 303 0.79 -7.90 1.44
CA PRO A 303 1.08 -8.23 2.82
C PRO A 303 0.82 -7.00 3.69
N LYS A 304 0.73 -7.19 5.00
CA LYS A 304 0.50 -6.07 5.92
C LYS A 304 1.81 -5.35 6.18
N TYR A 305 1.77 -4.03 6.14
CA TYR A 305 2.99 -3.28 6.31
C TYR A 305 3.29 -3.14 7.79
N VAL A 306 4.53 -3.42 8.17
CA VAL A 306 5.00 -3.09 9.52
C VAL A 306 6.33 -2.36 9.43
N LYS A 307 6.70 -1.66 10.50
CA LYS A 307 7.99 -0.96 10.56
C LYS A 307 9.21 -1.82 10.92
N SER A 308 9.09 -3.14 10.97
CA SER A 308 10.18 -3.96 11.50
C SER A 308 11.31 -4.15 10.50
N ASN A 309 12.52 -4.31 11.05
CA ASN A 309 13.66 -4.78 10.28
C ASN A 309 13.70 -6.31 10.18
N ARG A 310 13.03 -6.98 11.11
CA ARG A 310 13.10 -8.44 11.25
C ARG A 310 11.87 -9.08 11.96
N LEU A 311 11.23 -10.05 11.29
CA LEU A 311 10.18 -10.89 11.93
C LEU A 311 10.38 -12.37 11.65
N VAL A 312 10.94 -13.08 12.62
CA VAL A 312 11.24 -14.50 12.44
C VAL A 312 10.65 -15.34 13.58
N LEU A 313 9.84 -16.32 13.22
CA LEU A 313 9.23 -17.23 14.19
C LEU A 313 10.09 -18.46 14.33
N ALA A 314 10.32 -18.89 15.55
CA ALA A 314 10.91 -20.20 15.81
C ALA A 314 9.86 -21.22 15.39
N THR A 315 10.31 -22.27 14.71
CA THR A 315 9.48 -23.46 14.51
C THR A 315 10.17 -24.67 15.13
N GLY A 316 11.49 -24.74 15.05
CA GLY A 316 12.23 -25.86 15.60
C GLY A 316 12.65 -25.58 17.03
N LEU A 317 13.60 -26.37 17.53
CA LEU A 317 14.02 -26.22 18.91
C LEU A 317 15.39 -25.56 19.00
N ARG A 318 15.78 -25.19 20.22
CA ARG A 318 17.08 -24.60 20.45
C ARG A 318 18.14 -25.55 19.92
N ASN A 319 18.83 -25.09 18.89
CA ASN A 319 19.93 -25.80 18.26
C ASN A 319 21.13 -25.78 19.18
N SER A 320 21.71 -26.96 19.38
CA SER A 320 22.84 -27.07 20.28
C SER A 320 24.18 -26.84 19.56
N PRO A 321 25.14 -26.18 20.25
CA PRO A 321 26.53 -26.06 19.78
C PRO A 321 27.24 -27.41 19.74
N GLY B 1 15.69 -23.89 30.03
CA GLY B 1 14.29 -23.68 29.60
C GLY B 1 13.39 -24.24 30.67
N LEU B 2 12.12 -23.85 30.63
CA LEU B 2 11.22 -24.08 31.76
C LEU B 2 11.12 -25.53 32.13
N PHE B 3 11.31 -26.42 31.19
CA PHE B 3 11.04 -27.81 31.51
C PHE B 3 12.28 -28.59 31.83
N GLY B 4 13.41 -27.90 31.72
CA GLY B 4 14.69 -28.42 32.19
C GLY B 4 15.29 -29.56 31.39
N ALA B 5 14.65 -29.98 30.29
CA ALA B 5 15.19 -31.08 29.50
C ALA B 5 16.16 -30.57 28.46
N ILE B 6 15.65 -29.79 27.51
CA ILE B 6 16.49 -29.21 26.47
C ILE B 6 17.60 -28.26 27.00
N ALA B 7 18.85 -28.63 26.72
CA ALA B 7 20.02 -27.89 27.21
C ALA B 7 19.88 -27.75 28.71
N GLY B 8 19.40 -28.82 29.31
CA GLY B 8 19.10 -28.88 30.74
C GLY B 8 19.79 -30.15 31.19
N PHE B 9 19.06 -31.14 31.69
CA PHE B 9 19.71 -32.38 32.04
C PHE B 9 20.11 -33.14 30.77
N ILE B 10 19.54 -32.78 29.62
CA ILE B 10 19.99 -33.35 28.34
C ILE B 10 20.88 -32.34 27.65
N GLU B 11 22.19 -32.51 27.83
CA GLU B 11 23.18 -31.47 27.50
C GLU B 11 23.08 -30.85 26.12
N GLY B 12 22.80 -31.65 25.11
CA GLY B 12 22.66 -31.14 23.76
C GLY B 12 21.95 -32.10 22.83
N GLY B 13 21.52 -31.58 21.69
CA GLY B 13 20.82 -32.34 20.68
C GLY B 13 21.70 -33.27 19.87
N TRP B 14 21.05 -33.97 18.94
CA TRP B 14 21.59 -35.09 18.18
C TRP B 14 21.60 -34.79 16.68
N GLN B 15 22.78 -34.43 16.19
CA GLN B 15 23.04 -34.28 14.76
C GLN B 15 22.62 -35.55 14.02
N GLY B 16 22.83 -36.70 14.65
CA GLY B 16 22.52 -38.00 14.05
C GLY B 16 21.06 -38.43 13.98
N MET B 17 20.15 -37.62 14.51
CA MET B 17 18.72 -37.91 14.41
C MET B 17 17.97 -36.92 13.45
N VAL B 18 17.84 -37.34 12.20
CA VAL B 18 17.34 -36.47 11.11
C VAL B 18 15.88 -36.85 10.83
N ASP B 19 15.49 -37.91 11.50
CA ASP B 19 14.24 -38.65 11.33
C ASP B 19 13.06 -37.84 11.88
N GLY B 20 13.32 -37.02 12.91
CA GLY B 20 12.27 -36.31 13.62
C GLY B 20 12.82 -35.42 14.71
N TRP B 21 11.93 -34.84 15.50
CA TRP B 21 12.33 -33.81 16.46
C TRP B 21 12.81 -34.34 17.79
N TYR B 22 12.17 -35.43 18.24
CA TYR B 22 12.49 -36.13 19.48
C TYR B 22 12.50 -37.61 19.25
N GLY B 23 13.31 -38.31 20.04
CA GLY B 23 13.29 -39.76 20.00
C GLY B 23 14.35 -40.34 20.90
N TYR B 24 14.81 -41.52 20.51
CA TYR B 24 15.68 -42.34 21.34
C TYR B 24 16.99 -42.61 20.64
N HIS B 25 18.04 -42.73 21.45
CA HIS B 25 19.28 -43.39 21.03
C HIS B 25 19.37 -44.65 21.85
N HIS B 26 19.64 -45.79 21.21
CA HIS B 26 19.87 -47.05 21.91
C HIS B 26 21.27 -47.57 21.63
N SER B 27 21.79 -48.38 22.54
CA SER B 27 23.15 -48.88 22.47
C SER B 27 23.32 -50.17 23.30
N ASN B 28 23.46 -51.29 22.61
CA ASN B 28 23.63 -52.61 23.22
C ASN B 28 24.65 -53.46 22.43
N GLU B 29 24.67 -54.77 22.69
CA GLU B 29 25.66 -55.64 22.03
C GLU B 29 25.47 -55.73 20.51
N GLN B 30 24.24 -55.69 20.05
CA GLN B 30 23.94 -55.74 18.62
C GLN B 30 24.27 -54.44 17.89
N GLY B 31 24.61 -53.40 18.64
CA GLY B 31 24.89 -52.11 17.99
C GLY B 31 24.15 -50.94 18.61
N SER B 32 23.88 -49.91 17.82
CA SER B 32 23.32 -48.67 18.34
C SER B 32 22.75 -47.79 17.26
N GLY B 33 21.92 -46.84 17.66
CA GLY B 33 21.38 -45.86 16.72
C GLY B 33 20.19 -45.04 17.21
N TYR B 34 19.64 -44.23 16.29
CA TYR B 34 18.62 -43.26 16.61
C TYR B 34 17.27 -43.68 16.06
N ALA B 35 16.20 -43.31 16.73
CA ALA B 35 14.87 -43.62 16.25
C ALA B 35 13.96 -42.49 16.73
N ALA B 36 13.39 -41.77 15.77
CA ALA B 36 12.51 -40.66 16.05
C ALA B 36 11.25 -41.23 16.64
N ASP B 37 10.71 -40.58 17.67
CA ASP B 37 9.40 -40.91 18.21
C ASP B 37 8.37 -40.19 17.37
N LYS B 38 7.64 -40.96 16.57
CA LYS B 38 6.84 -40.43 15.47
C LYS B 38 5.66 -39.58 15.94
N GLU B 39 4.99 -40.01 17.00
CA GLU B 39 3.76 -39.36 17.46
C GLU B 39 3.98 -38.06 18.24
N SER B 40 4.95 -38.06 19.15
CA SER B 40 5.23 -36.81 19.84
C SER B 40 5.75 -35.79 18.84
N THR B 41 6.55 -36.25 17.87
CA THR B 41 7.03 -35.37 16.80
C THR B 41 5.86 -34.84 16.00
N GLN B 42 4.94 -35.71 15.58
CA GLN B 42 3.75 -35.26 14.85
C GLN B 42 2.88 -34.29 15.66
N LYS B 43 2.60 -34.60 16.93
CA LYS B 43 1.89 -33.65 17.79
C LYS B 43 2.53 -32.26 17.76
N ALA B 44 3.86 -32.23 17.79
CA ALA B 44 4.60 -30.99 17.75
C ALA B 44 4.51 -30.29 16.41
N ILE B 45 4.58 -31.05 15.32
CA ILE B 45 4.44 -30.45 14.00
C ILE B 45 3.07 -29.80 13.84
N ASP B 46 2.01 -30.50 14.25
CA ASP B 46 0.66 -29.90 14.30
C ASP B 46 0.60 -28.60 15.10
N GLY B 47 1.06 -28.64 16.35
CA GLY B 47 1.04 -27.49 17.22
C GLY B 47 1.66 -26.25 16.60
N VAL B 48 2.85 -26.44 16.05
CA VAL B 48 3.59 -25.32 15.49
C VAL B 48 2.95 -24.81 14.20
N THR B 49 2.52 -25.71 13.33
CA THR B 49 1.80 -25.31 12.12
C THR B 49 0.53 -24.50 12.44
N ASN B 50 -0.32 -25.02 13.33
CA ASN B 50 -1.54 -24.29 13.73
C ASN B 50 -1.18 -22.92 14.27
N LYS B 51 -0.14 -22.87 15.13
CA LYS B 51 0.28 -21.60 15.73
C LYS B 51 0.60 -20.56 14.66
N VAL B 52 1.48 -20.92 13.72
CA VAL B 52 1.87 -20.02 12.65
C VAL B 52 0.63 -19.52 11.91
N ASN B 53 -0.25 -20.44 11.51
CA ASN B 53 -1.48 -20.03 10.82
C ASN B 53 -2.38 -19.13 11.67
N SER B 54 -2.49 -19.41 12.97
CA SER B 54 -3.21 -18.55 13.90
C SER B 54 -2.57 -17.17 13.86
N ILE B 55 -1.25 -17.15 14.03
CA ILE B 55 -0.44 -15.92 14.03
C ILE B 55 -0.61 -15.08 12.75
N ILE B 56 -0.34 -15.68 11.59
CA ILE B 56 -0.57 -15.02 10.29
C ILE B 56 -1.99 -14.42 10.20
N ASP B 57 -2.96 -15.24 10.55
CA ASP B 57 -4.39 -14.97 10.33
C ASP B 57 -4.91 -13.86 11.24
N LYS B 58 -4.54 -13.93 12.51
CA LYS B 58 -4.95 -12.96 13.49
C LYS B 58 -4.52 -11.57 13.05
N MET B 59 -3.50 -11.53 12.22
CA MET B 59 -2.89 -10.29 11.76
C MET B 59 -3.40 -9.80 10.39
N ASN B 60 -4.35 -10.52 9.79
CA ASN B 60 -4.81 -10.22 8.43
C ASN B 60 -5.71 -8.99 8.28
N THR B 61 -6.46 -8.69 9.33
CA THR B 61 -7.22 -7.45 9.40
C THR B 61 -6.30 -6.54 10.17
N GLN B 62 -5.96 -5.41 9.57
CA GLN B 62 -4.87 -4.57 10.05
C GLN B 62 -4.82 -3.27 9.25
N PHE B 63 -4.52 -2.17 9.93
CA PHE B 63 -4.63 -0.83 9.37
C PHE B 63 -3.96 -0.66 8.00
N GLU B 64 -4.75 -0.22 7.02
CA GLU B 64 -4.25 0.14 5.70
C GLU B 64 -4.20 1.66 5.51
N ALA B 65 -3.01 2.17 5.24
CA ALA B 65 -2.81 3.59 4.96
C ALA B 65 -3.44 3.99 3.62
N VAL B 66 -4.18 5.08 3.65
CA VAL B 66 -4.81 5.63 2.47
C VAL B 66 -4.20 7.01 2.21
N GLY B 67 -3.59 7.18 1.03
CA GLY B 67 -3.06 8.46 0.57
C GLY B 67 -4.14 9.54 0.55
N ARG B 68 -3.82 10.72 1.07
CA ARG B 68 -4.81 11.76 1.35
C ARG B 68 -4.05 13.09 1.29
N GLU B 69 -4.57 14.08 0.56
CA GLU B 69 -3.82 15.32 0.30
C GLU B 69 -4.48 16.56 0.86
N PHE B 70 -3.68 17.53 1.26
CA PHE B 70 -4.18 18.74 1.92
C PHE B 70 -3.50 20.00 1.41
N ASN B 71 -4.24 21.09 1.30
CA ASN B 71 -3.64 22.35 0.80
C ASN B 71 -2.84 23.06 1.88
N ASN B 72 -2.23 24.18 1.49
CA ASN B 72 -1.32 24.94 2.34
C ASN B 72 -1.90 25.50 3.64
N LEU B 73 -3.22 25.68 3.67
CA LEU B 73 -3.94 26.22 4.83
C LEU B 73 -4.79 25.13 5.51
N GLU B 74 -4.38 23.90 5.31
CA GLU B 74 -4.99 22.78 5.98
C GLU B 74 -3.93 21.99 6.76
N ARG B 75 -3.01 22.71 7.41
CA ARG B 75 -1.87 22.07 8.08
C ARG B 75 -2.27 21.29 9.32
N ARG B 76 -3.24 21.78 10.08
CA ARG B 76 -3.67 21.07 11.27
C ARG B 76 -4.24 19.68 10.95
N ILE B 77 -5.14 19.59 9.97
CA ILE B 77 -5.73 18.31 9.57
C ILE B 77 -4.75 17.39 8.83
N GLU B 78 -3.77 17.98 8.16
CA GLU B 78 -2.73 17.19 7.52
C GLU B 78 -1.92 16.48 8.59
N ASN B 79 -1.65 17.18 9.68
CA ASN B 79 -0.80 16.68 10.73
C ASN B 79 -1.58 15.62 11.49
N LEU B 80 -2.85 15.91 11.74
CA LEU B 80 -3.76 14.99 12.40
C LEU B 80 -3.75 13.72 11.59
N ASN B 81 -3.88 13.88 10.28
CA ASN B 81 -3.93 12.76 9.36
C ASN B 81 -2.68 11.93 9.47
N LYS B 82 -1.54 12.61 9.56
CA LYS B 82 -0.26 11.94 9.63
C LYS B 82 -0.10 11.22 10.94
N LYS B 83 -0.31 11.94 12.04
CA LYS B 83 -0.26 11.37 13.40
C LYS B 83 -1.16 10.14 13.60
N MET B 84 -2.25 10.10 12.85
CA MET B 84 -3.22 9.01 12.87
C MET B 84 -2.64 7.79 12.15
N GLU B 85 -2.14 7.99 10.94
CA GLU B 85 -1.62 6.89 10.15
C GLU B 85 -0.42 6.27 10.83
N ASP B 86 0.57 7.11 11.18
CA ASP B 86 1.71 6.67 11.97
C ASP B 86 1.32 5.98 13.26
N GLY B 87 0.26 6.47 13.90
CA GLY B 87 -0.13 5.95 15.18
C GLY B 87 -0.57 4.51 15.10
N PHE B 88 -1.30 4.16 14.04
CA PHE B 88 -1.77 2.81 13.87
C PHE B 88 -0.63 1.92 13.41
N LEU B 89 0.22 2.43 12.51
CA LEU B 89 1.35 1.65 12.05
C LEU B 89 2.29 1.31 13.23
N ASP B 90 2.41 2.20 14.20
CA ASP B 90 3.20 1.89 15.40
C ASP B 90 2.51 0.85 16.31
N VAL B 91 1.19 0.95 16.45
CA VAL B 91 0.44 0.00 17.26
C VAL B 91 0.58 -1.41 16.70
N TRP B 92 0.47 -1.53 15.37
CA TRP B 92 0.55 -2.83 14.68
C TRP B 92 1.95 -3.41 14.62
N THR B 93 2.94 -2.54 14.53
CA THR B 93 4.30 -2.96 14.54
C THR B 93 4.59 -3.60 15.89
N TYR B 94 4.22 -2.88 16.96
CA TYR B 94 4.35 -3.37 18.32
C TYR B 94 3.57 -4.68 18.50
N ASN B 95 2.32 -4.71 18.05
CA ASN B 95 1.52 -5.93 18.15
C ASN B 95 2.26 -7.10 17.51
N ALA B 96 2.78 -6.87 16.31
CA ALA B 96 3.45 -7.93 15.57
C ALA B 96 4.76 -8.37 16.23
N GLU B 97 5.64 -7.41 16.55
CA GLU B 97 6.92 -7.73 17.19
C GLU B 97 6.83 -8.44 18.52
N LEU B 98 5.79 -8.12 19.29
CA LEU B 98 5.62 -8.68 20.60
C LEU B 98 5.05 -10.07 20.49
N LEU B 99 4.05 -10.22 19.64
CA LEU B 99 3.47 -11.52 19.44
C LEU B 99 4.59 -12.49 19.07
N VAL B 100 5.48 -12.08 18.18
CA VAL B 100 6.61 -12.92 17.78
C VAL B 100 7.53 -13.29 18.96
N LEU B 101 7.97 -12.28 19.71
CA LEU B 101 8.77 -12.47 20.91
C LEU B 101 8.15 -13.49 21.89
N MET B 102 6.86 -13.31 22.22
CA MET B 102 6.22 -14.11 23.23
C MET B 102 6.02 -15.52 22.74
N GLU B 103 5.60 -15.64 21.48
CA GLU B 103 5.31 -16.95 20.95
C GLU B 103 6.58 -17.72 20.64
N ASN B 104 7.62 -17.05 20.20
CA ASN B 104 8.93 -17.69 20.12
C ASN B 104 9.35 -18.36 21.44
N GLU B 105 9.18 -17.63 22.52
CA GLU B 105 9.48 -18.17 23.82
C GLU B 105 8.53 -19.32 24.17
N ARG B 106 7.28 -19.19 23.78
CA ARG B 106 6.36 -20.30 24.04
C ARG B 106 6.67 -21.52 23.20
N THR B 107 7.10 -21.31 21.96
CA THR B 107 7.47 -22.44 21.09
C THR B 107 8.67 -23.21 21.63
N LEU B 108 9.72 -22.50 22.04
CA LEU B 108 10.90 -23.18 22.56
C LEU B 108 10.59 -24.03 23.80
N ASP B 109 9.83 -23.45 24.74
CA ASP B 109 9.34 -24.16 25.93
C ASP B 109 8.45 -25.35 25.60
N PHE B 110 7.63 -25.24 24.55
CA PHE B 110 6.81 -26.34 24.08
C PHE B 110 7.69 -27.56 23.69
N HIS B 111 8.76 -27.31 22.96
CA HIS B 111 9.69 -28.38 22.60
C HIS B 111 10.33 -29.01 23.83
N ASP B 112 10.71 -28.16 24.79
CA ASP B 112 11.27 -28.62 26.06
C ASP B 112 10.26 -29.52 26.79
N SER B 113 9.02 -29.05 26.86
CA SER B 113 7.94 -29.79 27.42
C SER B 113 7.79 -31.14 26.77
N ASN B 114 7.69 -31.18 25.44
CA ASN B 114 7.57 -32.44 24.72
C ASN B 114 8.74 -33.38 25.00
N VAL B 115 9.97 -32.85 25.12
CA VAL B 115 11.12 -33.72 25.44
C VAL B 115 10.95 -34.28 26.86
N LYS B 116 10.63 -33.42 27.82
CA LYS B 116 10.46 -33.85 29.21
C LYS B 116 9.36 -34.89 29.37
N ASN B 117 8.25 -34.71 28.66
CA ASN B 117 7.13 -35.65 28.74
C ASN B 117 7.51 -36.99 28.16
N LEU B 118 8.30 -36.96 27.10
CA LEU B 118 8.80 -38.18 26.52
C LEU B 118 9.77 -38.86 27.51
N TYR B 119 10.66 -38.09 28.06
CA TYR B 119 11.58 -38.63 29.04
C TYR B 119 10.80 -39.30 30.15
N ASP B 120 9.83 -38.60 30.74
CA ASP B 120 9.09 -39.13 31.87
C ASP B 120 8.33 -40.42 31.49
N LYS B 121 7.73 -40.45 30.30
CA LYS B 121 7.02 -41.62 29.81
C LYS B 121 7.93 -42.85 29.81
N VAL B 122 9.18 -42.67 29.42
CA VAL B 122 10.12 -43.77 29.46
C VAL B 122 10.54 -44.09 30.89
N ARG B 123 10.81 -43.05 31.68
CA ARG B 123 11.19 -43.25 33.08
C ARG B 123 10.16 -44.10 33.81
N LEU B 124 8.88 -43.80 33.58
CA LEU B 124 7.76 -44.51 34.22
C LEU B 124 7.81 -46.01 33.98
N GLN B 125 8.21 -46.40 32.77
CA GLN B 125 8.23 -47.80 32.34
C GLN B 125 9.37 -48.57 32.94
N LEU B 126 10.54 -47.95 32.98
CA LEU B 126 11.75 -48.62 33.40
C LEU B 126 11.75 -49.07 34.85
N ARG B 127 11.18 -48.25 35.73
CA ARG B 127 11.06 -48.60 37.14
C ARG B 127 12.40 -48.85 37.80
N ASP B 128 12.48 -49.98 38.50
CA ASP B 128 13.71 -50.40 39.14
C ASP B 128 14.56 -51.15 38.14
N ASN B 129 14.00 -51.36 36.96
CA ASN B 129 14.66 -52.11 35.89
C ASN B 129 15.95 -51.47 35.39
N ALA B 130 15.99 -50.14 35.33
CA ALA B 130 17.17 -49.46 34.84
C ALA B 130 17.66 -48.38 35.78
N LYS B 131 18.94 -48.06 35.73
CA LYS B 131 19.49 -46.94 36.48
C LYS B 131 19.35 -45.62 35.72
N GLU B 132 18.63 -44.67 36.32
CA GLU B 132 18.44 -43.37 35.71
C GLU B 132 19.75 -42.59 35.84
N LEU B 133 20.46 -42.43 34.74
CA LEU B 133 21.82 -41.88 34.74
C LEU B 133 21.97 -40.40 35.04
N GLY B 134 20.88 -39.64 34.92
CA GLY B 134 20.91 -38.19 35.08
C GLY B 134 21.07 -37.36 33.82
N ASN B 135 21.36 -38.01 32.69
CA ASN B 135 21.77 -37.28 31.49
C ASN B 135 20.80 -37.42 30.32
N GLY B 136 19.66 -38.04 30.59
CA GLY B 136 18.75 -38.42 29.54
C GLY B 136 18.74 -39.93 29.30
N CYS B 137 19.74 -40.62 29.85
CA CYS B 137 19.93 -42.03 29.58
C CYS B 137 19.54 -42.93 30.74
N PHE B 138 19.12 -44.14 30.37
CA PHE B 138 18.75 -45.17 31.30
C PHE B 138 19.64 -46.38 31.01
N GLU B 139 20.39 -46.85 32.00
CA GLU B 139 21.28 -48.00 31.85
C GLU B 139 20.62 -49.23 32.46
N PHE B 140 20.36 -50.23 31.62
CA PHE B 140 19.65 -51.41 32.06
C PHE B 140 20.43 -52.30 33.00
N TYR B 141 19.74 -52.81 34.00
CA TYR B 141 20.28 -53.84 34.87
C TYR B 141 20.52 -55.11 34.09
N HIS B 142 19.64 -55.45 33.15
CA HIS B 142 19.91 -56.62 32.31
C HIS B 142 19.71 -56.47 30.79
N LYS B 143 20.80 -56.58 30.04
CA LYS B 143 20.90 -57.21 28.73
C LYS B 143 19.87 -56.84 27.65
N CYS B 144 19.62 -55.56 27.38
CA CYS B 144 18.53 -55.25 26.47
C CYS B 144 18.86 -55.42 24.98
N ASP B 145 18.20 -56.40 24.37
CA ASP B 145 18.33 -56.69 22.94
C ASP B 145 17.42 -55.81 22.10
N ASN B 146 17.58 -55.86 20.78
CA ASN B 146 16.87 -54.95 19.89
C ASN B 146 15.37 -54.95 19.98
N GLU B 147 14.76 -56.09 20.26
CA GLU B 147 13.32 -56.11 20.46
C GLU B 147 12.92 -55.69 21.88
N CYS B 148 13.83 -55.89 22.84
CA CYS B 148 13.72 -55.27 24.16
C CYS B 148 13.71 -53.75 24.02
N MET B 149 14.68 -53.21 23.28
CA MET B 149 14.73 -51.78 22.95
C MET B 149 13.47 -51.34 22.23
N GLU B 150 13.05 -52.11 21.22
CA GLU B 150 11.87 -51.76 20.47
C GLU B 150 10.66 -51.67 21.40
N SER B 151 10.61 -52.56 22.38
CA SER B 151 9.46 -52.63 23.29
C SER B 151 9.32 -51.36 24.13
N VAL B 152 10.45 -50.82 24.58
CA VAL B 152 10.49 -49.51 25.23
C VAL B 152 9.92 -48.44 24.31
N ARG B 153 10.47 -48.32 23.10
CA ARG B 153 9.99 -47.31 22.16
C ARG B 153 8.49 -47.43 21.91
N ASN B 154 8.04 -48.64 21.61
CA ASN B 154 6.64 -48.90 21.28
C ASN B 154 5.66 -48.70 22.42
N GLY B 155 6.17 -48.75 23.64
CA GLY B 155 5.36 -48.47 24.83
C GLY B 155 4.88 -49.70 25.59
N THR B 156 5.49 -50.85 25.32
CA THR B 156 5.08 -52.14 25.89
C THR B 156 6.24 -52.87 26.52
N TYR B 157 6.87 -52.27 27.53
CA TYR B 157 7.98 -52.91 28.21
C TYR B 157 7.45 -53.87 29.25
N ASP B 158 8.33 -54.73 29.76
CA ASP B 158 7.93 -55.71 30.77
C ASP B 158 6.83 -56.61 30.22
C1 GAL C . 3.04 39.93 -21.23
C2 GAL C . 1.60 39.46 -21.37
O2 GAL C . 1.33 39.04 -22.72
C1 SIA C . 0.37 36.83 -22.80
C2 SIA C . 0.10 38.31 -22.98
C3 SIA C . -0.29 38.53 -24.45
C4 SIA C . -1.69 38.01 -24.73
C5 SIA C . -2.79 38.35 -23.77
C6 SIA C . -2.29 38.17 -22.34
C7 SIA C . -3.35 38.65 -21.33
C8 SIA C . -2.90 38.85 -19.88
C9 SIA C . -4.12 38.77 -18.97
C10 SIA C . -5.03 37.67 -24.65
C11 SIA C . -5.03 38.78 -25.67
N5 SIA C . -3.99 37.52 -23.83
O1A SIA C . 0.15 36.29 -21.69
O1B SIA C . 0.80 36.17 -23.78
O4 SIA C . -1.93 37.34 -25.72
O6 SIA C . -0.99 38.79 -22.15
O7 SIA C . -3.96 39.85 -21.80
O8 SIA C . -1.95 37.87 -19.45
O9 SIA C . -3.72 38.90 -17.60
O10 SIA C . -5.98 36.89 -24.58
#